data_1H62
#
_entry.id   1H62
#
_cell.length_a   56.709
_cell.length_b   69.013
_cell.length_c   88.708
_cell.angle_alpha   90.00
_cell.angle_beta   90.00
_cell.angle_gamma   90.00
#
_symmetry.space_group_name_H-M   'P 21 21 21'
#
loop_
_entity.id
_entity.type
_entity.pdbx_description
1 polymer 'PENTAERYTHRITOL TETRANITRATE REDUCTASE'
2 non-polymer ANDROSTA-1,4-DIENE-3,17-DIONE
3 non-polymer 'FLAVIN MONONUCLEOTIDE'
4 water water
#
_entity_poly.entity_id   1
_entity_poly.type   'polypeptide(L)'
_entity_poly.pdbx_seq_one_letter_code
;SAEKLFTPLKVGAVTAPNRVFMAPLTRLRSIEPGDIPTPLMGEYYRQRASAGLIISEATQISAQAKGYAGAPGLHSPEQI
AAWKKITAGVHAEDGRIAVQLWHTGRISHSSIQPGGQAPVSASALNANTRTSLRDENGNAIRVDTTTPRALELDEIPGIV
NDFRQAVANAREAGFDLVELHSAHGYLLHQFLSPSSNQRTDQYGGSVENRARLVLEVVDAVCNEWSADRIGIRVSPIGTF
QNVDNGPNEEADALYLIEELAKRGIAYLHMSETDLAGGKPYSEAFRQKVRERFHGVIIGAGAYTAEKAEDLIGKGLIDAV
AFGRDYIANPDLVARLQKKAELNPQRPESFYGGGAEGYTDYPSL
;
_entity_poly.pdbx_strand_id   A
#
loop_
_chem_comp.id
_chem_comp.type
_chem_comp.name
_chem_comp.formula
ANB non-polymer ANDROSTA-1,4-DIENE-3,17-DIONE 'C19 H24 O2'
FMN non-polymer 'FLAVIN MONONUCLEOTIDE' 'C17 H21 N4 O9 P'
#
# COMPACT_ATOMS: atom_id res chain seq x y z
N SER A 1 20.82 -14.61 -15.33
CA SER A 1 21.46 -13.66 -14.36
C SER A 1 20.78 -12.29 -14.36
N ALA A 2 20.00 -12.03 -15.42
CA ALA A 2 19.29 -10.76 -15.55
C ALA A 2 20.24 -9.56 -15.63
N GLU A 3 19.87 -8.56 -16.42
CA GLU A 3 20.68 -7.37 -16.61
C GLU A 3 20.75 -6.36 -15.46
N LYS A 4 19.59 -5.87 -15.01
CA LYS A 4 19.60 -4.86 -13.95
C LYS A 4 18.79 -5.09 -12.68
N LEU A 5 17.88 -6.06 -12.70
CA LEU A 5 17.06 -6.33 -11.53
C LEU A 5 17.87 -6.53 -10.25
N PHE A 6 19.13 -6.91 -10.40
CA PHE A 6 19.97 -7.16 -9.23
C PHE A 6 21.08 -6.14 -9.05
N THR A 7 20.75 -4.89 -9.36
CA THR A 7 21.69 -3.79 -9.21
C THR A 7 21.10 -2.82 -8.19
N PRO A 8 21.96 -2.21 -7.34
CA PRO A 8 21.51 -1.27 -6.33
C PRO A 8 20.71 -0.07 -6.84
N LEU A 9 19.90 0.50 -5.96
CA LEU A 9 19.06 1.64 -6.31
C LEU A 9 18.85 2.48 -5.06
N LYS A 10 19.16 3.77 -5.16
CA LYS A 10 18.97 4.68 -4.05
C LYS A 10 17.47 5.03 -3.96
N VAL A 11 16.86 4.69 -2.85
CA VAL A 11 15.44 4.97 -2.64
C VAL A 11 15.27 5.90 -1.44
N GLY A 12 15.21 7.20 -1.71
CA GLY A 12 15.08 8.15 -0.63
C GLY A 12 16.25 8.00 0.33
N ALA A 13 15.94 7.91 1.62
CA ALA A 13 16.96 7.79 2.67
C ALA A 13 17.74 6.47 2.71
N VAL A 14 17.27 5.45 2.01
CA VAL A 14 18.00 4.19 2.02
C VAL A 14 18.44 3.72 0.64
N THR A 15 19.23 2.66 0.64
CA THR A 15 19.73 2.09 -0.60
C THR A 15 19.37 0.61 -0.70
N ALA A 16 18.63 0.25 -1.74
CA ALA A 16 18.25 -1.13 -1.96
C ALA A 16 19.35 -1.79 -2.78
N PRO A 17 19.72 -3.04 -2.43
CA PRO A 17 20.78 -3.75 -3.18
C PRO A 17 20.28 -4.36 -4.50
N ASN A 18 18.95 -4.44 -4.64
CA ASN A 18 18.37 -4.99 -5.85
C ASN A 18 17.04 -4.28 -6.09
N ARG A 19 16.46 -4.44 -7.28
CA ARG A 19 15.20 -3.79 -7.62
C ARG A 19 13.99 -4.70 -7.53
N VAL A 20 14.12 -5.83 -6.85
CA VAL A 20 13.00 -6.75 -6.69
C VAL A 20 12.37 -6.45 -5.34
N PHE A 21 11.23 -5.77 -5.35
CA PHE A 21 10.56 -5.41 -4.11
C PHE A 21 9.36 -6.30 -3.80
N MET A 22 9.04 -6.37 -2.51
CA MET A 22 7.91 -7.14 -2.05
C MET A 22 6.75 -6.15 -1.92
N ALA A 23 5.71 -6.34 -2.74
CA ALA A 23 4.55 -5.46 -2.72
C ALA A 23 3.79 -5.56 -1.41
N PRO A 24 3.02 -4.52 -1.05
CA PRO A 24 2.25 -4.57 0.20
C PRO A 24 1.21 -5.68 0.06
N LEU A 25 1.13 -6.57 1.03
CA LEU A 25 0.20 -7.70 0.97
C LEU A 25 -0.58 -7.93 2.26
N THR A 26 -1.86 -7.58 2.23
CA THR A 26 -2.73 -7.79 3.38
C THR A 26 -2.88 -9.29 3.63
N ARG A 27 -2.55 -9.76 4.83
CA ARG A 27 -2.66 -11.19 5.12
C ARG A 27 -3.67 -11.53 6.22
N LEU A 28 -4.18 -10.48 6.88
CA LEU A 28 -5.18 -10.61 7.94
C LEU A 28 -4.89 -11.62 9.04
N ARG A 29 -3.68 -11.59 9.58
CA ARG A 29 -3.32 -12.53 10.63
C ARG A 29 -2.96 -11.86 11.95
N SER A 30 -3.31 -10.59 12.10
CA SER A 30 -3.01 -9.84 13.32
C SER A 30 -3.90 -10.27 14.48
N ILE A 31 -3.47 -9.95 15.69
CA ILE A 31 -4.21 -10.27 16.90
C ILE A 31 -5.35 -9.29 17.17
N GLU A 32 -6.50 -9.83 17.57
CA GLU A 32 -7.66 -9.02 17.94
C GLU A 32 -8.08 -9.56 19.30
N PRO A 33 -8.45 -8.70 20.24
CA PRO A 33 -8.50 -7.22 20.15
C PRO A 33 -7.12 -6.56 20.09
N GLY A 34 -7.09 -5.36 19.54
CA GLY A 34 -5.84 -4.62 19.45
C GLY A 34 -5.20 -4.50 18.08
N ASP A 35 -5.59 -5.37 17.14
CA ASP A 35 -5.03 -5.35 15.79
C ASP A 35 -3.52 -5.27 15.93
N ILE A 36 -2.98 -6.20 16.71
CA ILE A 36 -1.56 -6.25 17.02
C ILE A 36 -0.73 -7.21 16.17
N PRO A 37 0.40 -6.73 15.63
CA PRO A 37 1.28 -7.57 14.81
C PRO A 37 1.76 -8.73 15.69
N THR A 38 2.07 -9.87 15.07
CA THR A 38 2.48 -11.04 15.83
C THR A 38 3.90 -11.51 15.57
N PRO A 39 4.40 -12.42 16.41
CA PRO A 39 5.75 -12.95 16.23
C PRO A 39 5.77 -13.71 14.90
N LEU A 40 4.64 -14.35 14.57
CA LEU A 40 4.52 -15.10 13.33
C LEU A 40 4.71 -14.17 12.14
N MET A 41 4.10 -12.98 12.23
CA MET A 41 4.23 -11.98 11.17
C MET A 41 5.68 -11.54 11.09
N GLY A 42 6.34 -11.49 12.24
CA GLY A 42 7.74 -11.10 12.27
C GLY A 42 8.58 -12.10 11.51
N GLU A 43 8.29 -13.38 11.70
CA GLU A 43 9.02 -14.45 11.02
C GLU A 43 8.80 -14.35 9.50
N TYR A 44 7.55 -14.13 9.12
CA TYR A 44 7.15 -13.99 7.71
C TYR A 44 7.96 -12.92 6.99
N TYR A 45 8.08 -11.74 7.61
CA TYR A 45 8.83 -10.65 7.01
C TYR A 45 10.32 -10.93 7.03
N ARG A 46 10.79 -11.55 8.11
CA ARG A 46 12.20 -11.86 8.22
C ARG A 46 12.65 -12.85 7.14
N GLN A 47 11.76 -13.76 6.76
CA GLN A 47 12.08 -14.74 5.73
C GLN A 47 12.27 -14.08 4.36
N ARG A 48 11.68 -12.90 4.20
CA ARG A 48 11.74 -12.18 2.93
C ARG A 48 12.63 -10.95 2.97
N ALA A 49 13.51 -10.88 3.95
CA ALA A 49 14.41 -9.74 4.12
C ALA A 49 15.44 -9.48 3.03
N SER A 50 15.60 -10.41 2.08
CA SER A 50 16.56 -10.21 1.01
C SER A 50 15.99 -9.35 -0.12
N ALA A 51 14.72 -8.99 0.00
CA ALA A 51 14.06 -8.14 -1.00
C ALA A 51 14.77 -6.78 -1.02
N GLY A 52 14.78 -6.13 -2.18
CA GLY A 52 15.41 -4.83 -2.27
C GLY A 52 14.75 -3.90 -1.27
N LEU A 53 13.45 -4.08 -1.11
CA LEU A 53 12.66 -3.30 -0.18
C LEU A 53 11.37 -4.04 0.13
N ILE A 54 11.06 -4.18 1.42
CA ILE A 54 9.83 -4.83 1.83
C ILE A 54 8.81 -3.73 2.09
N ILE A 55 7.62 -3.86 1.51
CA ILE A 55 6.56 -2.91 1.75
C ILE A 55 5.54 -3.74 2.53
N SER A 56 5.26 -3.32 3.76
CA SER A 56 4.34 -4.08 4.61
C SER A 56 2.90 -4.10 4.12
N GLU A 57 2.12 -4.98 4.73
CA GLU A 57 0.70 -5.10 4.44
C GLU A 57 0.11 -3.75 4.87
N ALA A 58 -1.04 -3.38 4.32
CA ALA A 58 -1.69 -2.13 4.68
C ALA A 58 -1.91 -2.09 6.19
N THR A 59 -1.57 -0.97 6.82
CA THR A 59 -1.68 -0.81 8.27
C THR A 59 -2.48 0.43 8.67
N GLN A 60 -3.41 0.27 9.59
CA GLN A 60 -4.27 1.38 10.06
C GLN A 60 -3.55 2.55 10.70
N ILE A 61 -3.93 3.77 10.32
CA ILE A 61 -3.33 4.96 10.90
C ILE A 61 -4.12 5.29 12.16
N SER A 62 -5.29 4.65 12.31
CA SER A 62 -6.16 4.87 13.45
C SER A 62 -7.17 3.72 13.54
N ALA A 63 -7.96 3.70 14.60
CA ALA A 63 -8.96 2.65 14.76
C ALA A 63 -10.06 2.86 13.73
N GLN A 64 -10.38 4.11 13.45
CA GLN A 64 -11.41 4.44 12.46
C GLN A 64 -11.01 3.95 11.07
N ALA A 65 -9.71 3.91 10.83
CA ALA A 65 -9.16 3.48 9.54
C ALA A 65 -9.42 2.00 9.26
N LYS A 66 -9.67 1.23 10.30
CA LYS A 66 -9.90 -0.21 10.17
C LYS A 66 -11.08 -0.60 9.28
N GLY A 67 -10.83 -1.52 8.35
CA GLY A 67 -11.87 -1.98 7.47
C GLY A 67 -11.87 -3.50 7.32
N TYR A 68 -10.85 -4.16 7.86
CA TYR A 68 -10.74 -5.62 7.79
C TYR A 68 -10.30 -6.19 9.13
N ALA A 69 -10.93 -7.28 9.55
CA ALA A 69 -10.56 -7.92 10.78
C ALA A 69 -9.24 -8.63 10.52
N GLY A 70 -8.26 -8.43 11.39
CA GLY A 70 -6.97 -9.07 11.20
C GLY A 70 -5.89 -8.15 10.65
N ALA A 71 -6.29 -7.00 10.10
CA ALA A 71 -5.32 -6.05 9.57
C ALA A 71 -4.70 -5.30 10.75
N PRO A 72 -3.39 -5.05 10.72
CA PRO A 72 -2.72 -4.36 11.82
C PRO A 72 -2.84 -2.84 11.83
N GLY A 73 -2.56 -2.24 12.99
CA GLY A 73 -2.60 -0.80 13.12
C GLY A 73 -1.25 -0.29 13.59
N LEU A 74 -1.06 1.01 13.53
CA LEU A 74 0.18 1.64 14.00
C LEU A 74 -0.21 2.93 14.70
N HIS A 75 -1.19 2.82 15.59
CA HIS A 75 -1.67 3.96 16.35
C HIS A 75 -1.62 3.78 17.86
N SER A 76 -1.49 2.54 18.33
CA SER A 76 -1.45 2.27 19.78
C SER A 76 -0.07 1.82 20.26
N PRO A 77 0.21 1.98 21.57
CA PRO A 77 1.49 1.59 22.16
C PRO A 77 1.80 0.12 21.87
N GLU A 78 0.81 -0.74 22.08
CA GLU A 78 0.97 -2.17 21.86
C GLU A 78 1.37 -2.47 20.40
N GLN A 79 0.75 -1.75 19.46
CA GLN A 79 1.05 -1.95 18.05
C GLN A 79 2.47 -1.48 17.73
N ILE A 80 2.84 -0.32 18.27
CA ILE A 80 4.18 0.22 18.04
C ILE A 80 5.24 -0.75 18.56
N ALA A 81 5.03 -1.29 19.75
CA ALA A 81 5.98 -2.24 20.33
C ALA A 81 6.12 -3.50 19.49
N ALA A 82 5.01 -4.00 18.96
CA ALA A 82 5.04 -5.21 18.14
C ALA A 82 5.78 -4.93 16.83
N TRP A 83 5.49 -3.81 16.19
CA TRP A 83 6.15 -3.46 14.94
C TRP A 83 7.66 -3.27 15.13
N LYS A 84 8.05 -2.75 16.30
CA LYS A 84 9.47 -2.55 16.59
C LYS A 84 10.24 -3.86 16.52
N LYS A 85 9.60 -4.95 16.93
CA LYS A 85 10.26 -6.25 16.89
C LYS A 85 10.35 -6.75 15.45
N ILE A 86 9.33 -6.44 14.66
CA ILE A 86 9.30 -6.88 13.27
C ILE A 86 10.36 -6.17 12.43
N THR A 87 10.46 -4.85 12.57
CA THR A 87 11.45 -4.11 11.80
C THR A 87 12.86 -4.53 12.25
N ALA A 88 13.03 -4.79 13.55
CA ALA A 88 14.31 -5.22 14.07
C ALA A 88 14.71 -6.56 13.47
N GLY A 89 13.73 -7.44 13.30
CA GLY A 89 14.01 -8.74 12.71
C GLY A 89 14.51 -8.59 11.29
N VAL A 90 13.84 -7.72 10.53
CA VAL A 90 14.21 -7.47 9.14
C VAL A 90 15.61 -6.85 9.05
N HIS A 91 15.89 -5.91 9.96
CA HIS A 91 17.19 -5.25 9.96
C HIS A 91 18.29 -6.21 10.42
N ALA A 92 17.94 -7.16 11.27
CA ALA A 92 18.92 -8.12 11.75
C ALA A 92 19.42 -8.91 10.54
N GLU A 93 18.57 -9.01 9.51
CA GLU A 93 18.93 -9.73 8.29
C GLU A 93 19.39 -8.78 7.19
N ASP A 94 19.69 -7.54 7.58
CA ASP A 94 20.16 -6.52 6.66
C ASP A 94 19.15 -6.18 5.57
N GLY A 95 17.88 -6.09 5.94
CA GLY A 95 16.84 -5.77 4.98
C GLY A 95 16.31 -4.37 5.22
N ARG A 96 15.37 -3.95 4.39
CA ARG A 96 14.77 -2.62 4.51
C ARG A 96 13.26 -2.83 4.42
N ILE A 97 12.52 -2.13 5.27
CA ILE A 97 11.07 -2.28 5.27
C ILE A 97 10.32 -0.96 5.42
N ALA A 98 9.28 -0.81 4.62
CA ALA A 98 8.44 0.37 4.66
C ALA A 98 7.06 -0.07 5.14
N VAL A 99 6.37 0.79 5.86
CA VAL A 99 5.04 0.45 6.32
C VAL A 99 4.02 1.15 5.43
N GLN A 100 3.09 0.38 4.87
CA GLN A 100 2.05 1.01 4.05
C GLN A 100 0.96 1.41 5.02
N LEU A 101 0.59 2.69 4.99
CA LEU A 101 -0.44 3.20 5.88
C LEU A 101 -1.71 3.52 5.10
N TRP A 102 -2.84 3.09 5.63
CA TRP A 102 -4.12 3.36 4.96
C TRP A 102 -5.23 3.70 5.92
N HIS A 103 -6.33 4.12 5.32
CA HIS A 103 -7.58 4.41 6.00
C HIS A 103 -8.48 3.80 4.93
N THR A 104 -9.22 2.76 5.29
CA THR A 104 -10.07 2.05 4.34
C THR A 104 -11.29 2.83 3.87
N GLY A 105 -11.70 3.84 4.65
CA GLY A 105 -12.86 4.62 4.26
C GLY A 105 -14.09 3.72 4.16
N ARG A 106 -14.84 3.84 3.06
CA ARG A 106 -16.05 3.05 2.85
C ARG A 106 -15.85 1.54 2.67
N ILE A 107 -14.62 1.08 2.47
CA ILE A 107 -14.41 -0.36 2.32
C ILE A 107 -14.22 -0.85 3.75
N SER A 108 -15.31 -0.86 4.50
CA SER A 108 -15.29 -1.27 5.91
C SER A 108 -16.67 -1.77 6.32
N HIS A 109 -16.83 -2.04 7.61
CA HIS A 109 -18.10 -2.54 8.14
C HIS A 109 -18.29 -1.95 9.53
N SER A 110 -19.52 -1.57 9.86
CA SER A 110 -19.78 -0.95 11.15
C SER A 110 -19.38 -1.76 12.39
N SER A 111 -19.45 -3.10 12.28
CA SER A 111 -19.10 -3.98 13.39
C SER A 111 -17.64 -3.88 13.86
N ILE A 112 -16.75 -3.35 13.01
CA ILE A 112 -15.36 -3.22 13.41
C ILE A 112 -14.93 -1.76 13.53
N GLN A 113 -15.90 -0.85 13.45
CA GLN A 113 -15.63 0.58 13.58
C GLN A 113 -15.80 0.95 15.05
N PRO A 114 -15.19 2.07 15.49
CA PRO A 114 -15.33 2.48 16.88
C PRO A 114 -16.80 2.70 17.19
N GLY A 115 -17.24 2.22 18.36
CA GLY A 115 -18.63 2.39 18.73
C GLY A 115 -19.60 1.61 17.85
N GLY A 116 -19.07 0.88 16.87
CA GLY A 116 -19.92 0.11 15.98
C GLY A 116 -20.72 0.96 15.01
N GLN A 117 -20.25 2.19 14.79
CA GLN A 117 -20.92 3.11 13.89
C GLN A 117 -20.49 2.97 12.44
N ALA A 118 -21.18 3.66 11.55
CA ALA A 118 -20.87 3.59 10.13
C ALA A 118 -19.48 4.16 9.81
N PRO A 119 -18.78 3.56 8.83
CA PRO A 119 -17.46 4.04 8.44
C PRO A 119 -17.60 5.35 7.69
N VAL A 120 -16.49 6.06 7.49
CA VAL A 120 -16.54 7.35 6.81
C VAL A 120 -15.94 7.31 5.40
N SER A 121 -16.27 8.32 4.60
CA SER A 121 -15.76 8.43 3.25
C SER A 121 -15.95 9.86 2.75
N ALA A 122 -15.68 10.09 1.48
CA ALA A 122 -15.84 11.40 0.88
C ALA A 122 -17.34 11.72 0.77
N SER A 123 -18.12 10.70 0.44
CA SER A 123 -19.57 10.85 0.29
C SER A 123 -20.28 9.65 0.92
N ALA A 124 -21.59 9.77 1.08
CA ALA A 124 -22.40 8.70 1.67
C ALA A 124 -22.86 7.73 0.59
N LEU A 125 -21.90 7.05 -0.04
CA LEU A 125 -22.19 6.09 -1.11
C LEU A 125 -21.56 4.74 -0.77
N ASN A 126 -22.36 3.68 -0.81
CA ASN A 126 -21.86 2.34 -0.49
C ASN A 126 -20.85 1.88 -1.54
N ALA A 127 -19.76 1.26 -1.08
CA ALA A 127 -18.72 0.78 -1.97
C ALA A 127 -19.21 -0.38 -2.84
N ASN A 128 -20.37 -0.92 -2.48
CA ASN A 128 -20.97 -2.04 -3.21
C ASN A 128 -20.01 -3.19 -3.45
N THR A 129 -19.27 -3.56 -2.41
CA THR A 129 -18.33 -4.66 -2.51
C THR A 129 -18.34 -5.31 -1.13
N ARG A 130 -17.35 -6.13 -0.83
CA ARG A 130 -17.32 -6.75 0.49
C ARG A 130 -15.94 -6.62 1.11
N THR A 131 -15.88 -6.83 2.42
CA THR A 131 -14.62 -6.76 3.13
C THR A 131 -14.49 -8.05 3.93
N SER A 132 -13.40 -8.20 4.66
CA SER A 132 -13.16 -9.40 5.44
C SER A 132 -13.28 -9.19 6.94
N LEU A 133 -14.09 -10.02 7.57
CA LEU A 133 -14.27 -9.99 9.01
C LEU A 133 -13.86 -11.38 9.45
N ARG A 134 -14.02 -11.67 10.74
CA ARG A 134 -13.69 -12.99 11.25
C ARG A 134 -14.92 -13.53 11.98
N ASP A 135 -15.17 -14.82 11.87
CA ASP A 135 -16.32 -15.41 12.54
C ASP A 135 -16.01 -15.72 13.99
N GLU A 136 -16.99 -16.31 14.68
CA GLU A 136 -16.84 -16.65 16.08
C GLU A 136 -15.63 -17.55 16.36
N ASN A 137 -15.10 -18.19 15.33
CA ASN A 137 -13.94 -19.06 15.51
C ASN A 137 -12.65 -18.42 15.03
N GLY A 138 -12.72 -17.13 14.68
CA GLY A 138 -11.54 -16.44 14.22
C GLY A 138 -11.18 -16.68 12.77
N ASN A 139 -12.08 -17.31 12.03
CA ASN A 139 -11.84 -17.58 10.62
C ASN A 139 -12.32 -16.41 9.75
N ALA A 140 -11.54 -16.09 8.70
CA ALA A 140 -11.89 -15.00 7.79
C ALA A 140 -13.20 -15.29 7.06
N ILE A 141 -13.99 -14.24 6.87
CA ILE A 141 -15.28 -14.34 6.20
C ILE A 141 -15.57 -13.05 5.41
N ARG A 142 -16.28 -13.18 4.29
CA ARG A 142 -16.62 -12.03 3.46
C ARG A 142 -17.98 -11.47 3.87
N VAL A 143 -18.07 -10.15 3.96
CA VAL A 143 -19.31 -9.49 4.35
C VAL A 143 -19.49 -8.22 3.53
N ASP A 144 -20.71 -7.91 3.13
CA ASP A 144 -20.97 -6.71 2.34
C ASP A 144 -20.55 -5.46 3.14
N THR A 145 -20.00 -4.48 2.43
CA THR A 145 -19.55 -3.23 3.06
C THR A 145 -20.73 -2.37 3.55
N THR A 146 -20.51 -1.66 4.64
CA THR A 146 -21.52 -0.77 5.23
C THR A 146 -21.56 0.57 4.50
N THR A 147 -22.76 1.11 4.30
CA THR A 147 -22.86 2.41 3.64
C THR A 147 -22.17 3.42 4.54
N PRO A 148 -21.28 4.23 3.98
CA PRO A 148 -20.53 5.24 4.72
C PRO A 148 -21.24 6.55 5.03
N ARG A 149 -20.68 7.26 6.00
CA ARG A 149 -21.14 8.57 6.41
C ARG A 149 -20.16 9.53 5.74
N ALA A 150 -20.68 10.60 5.13
CA ALA A 150 -19.80 11.55 4.47
C ALA A 150 -19.06 12.37 5.53
N LEU A 151 -17.74 12.48 5.39
CA LEU A 151 -16.96 13.24 6.36
C LEU A 151 -17.36 14.70 6.37
N GLU A 152 -17.45 15.28 7.57
CA GLU A 152 -17.80 16.69 7.70
C GLU A 152 -16.54 17.48 7.36
N LEU A 153 -16.72 18.70 6.87
CA LEU A 153 -15.58 19.52 6.50
C LEU A 153 -14.59 19.66 7.65
N ASP A 154 -15.08 19.92 8.86
CA ASP A 154 -14.18 20.08 10.00
C ASP A 154 -13.56 18.79 10.53
N GLU A 155 -13.82 17.68 9.85
CA GLU A 155 -13.26 16.39 10.25
C GLU A 155 -12.01 16.06 9.45
N ILE A 156 -11.86 16.70 8.28
CA ILE A 156 -10.71 16.44 7.42
C ILE A 156 -9.38 16.72 8.09
N PRO A 157 -9.27 17.83 8.85
CA PRO A 157 -7.98 18.11 9.52
C PRO A 157 -7.59 16.93 10.42
N GLY A 158 -8.58 16.29 11.02
CA GLY A 158 -8.32 15.16 11.89
C GLY A 158 -7.77 13.98 11.11
N ILE A 159 -8.23 13.81 9.88
CA ILE A 159 -7.76 12.72 9.04
C ILE A 159 -6.28 12.94 8.71
N VAL A 160 -5.96 14.16 8.29
CA VAL A 160 -4.59 14.52 7.96
C VAL A 160 -3.70 14.28 9.16
N ASN A 161 -4.19 14.65 10.34
CA ASN A 161 -3.40 14.47 11.56
C ASN A 161 -3.17 13.01 11.92
N ASP A 162 -4.15 12.14 11.65
CA ASP A 162 -3.95 10.73 11.96
C ASP A 162 -2.83 10.18 11.08
N PHE A 163 -2.77 10.62 9.84
CA PHE A 163 -1.70 10.18 8.94
C PHE A 163 -0.37 10.71 9.48
N ARG A 164 -0.36 11.98 9.89
CA ARG A 164 0.85 12.58 10.45
C ARG A 164 1.35 11.79 11.66
N GLN A 165 0.44 11.49 12.58
CA GLN A 165 0.80 10.77 13.79
C GLN A 165 1.33 9.38 13.50
N ALA A 166 0.68 8.68 12.58
CA ALA A 166 1.07 7.32 12.22
C ALA A 166 2.49 7.30 11.64
N VAL A 167 2.83 8.32 10.88
CA VAL A 167 4.15 8.41 10.29
C VAL A 167 5.16 8.63 11.42
N ALA A 168 4.78 9.44 12.40
CA ALA A 168 5.66 9.69 13.54
C ALA A 168 5.86 8.37 14.27
N ASN A 169 4.79 7.58 14.41
CA ASN A 169 4.88 6.29 15.09
C ASN A 169 5.73 5.32 14.27
N ALA A 170 5.59 5.38 12.95
CA ALA A 170 6.36 4.52 12.06
C ALA A 170 7.85 4.77 12.26
N ARG A 171 8.20 6.04 12.43
CA ARG A 171 9.60 6.41 12.64
C ARG A 171 10.14 5.78 13.91
N GLU A 172 9.39 5.86 15.00
CA GLU A 172 9.85 5.27 16.25
C GLU A 172 9.87 3.76 16.18
N ALA A 173 8.94 3.19 15.40
CA ALA A 173 8.83 1.75 15.26
C ALA A 173 10.00 1.13 14.48
N GLY A 174 10.84 1.98 13.90
CA GLY A 174 12.00 1.49 13.17
C GLY A 174 11.86 1.28 11.67
N PHE A 175 10.75 1.71 11.09
CA PHE A 175 10.54 1.56 9.65
C PHE A 175 11.50 2.48 8.92
N ASP A 176 11.95 2.05 7.75
CA ASP A 176 12.89 2.82 6.94
C ASP A 176 12.19 3.86 6.09
N LEU A 177 10.96 3.54 5.70
CA LEU A 177 10.16 4.42 4.86
C LEU A 177 8.70 4.18 5.16
N VAL A 178 7.85 5.03 4.60
CA VAL A 178 6.41 4.92 4.77
C VAL A 178 5.81 5.04 3.37
N GLU A 179 4.75 4.28 3.10
CA GLU A 179 4.08 4.36 1.82
C GLU A 179 2.61 4.67 2.06
N LEU A 180 2.15 5.81 1.57
CA LEU A 180 0.77 6.22 1.74
C LEU A 180 -0.08 5.42 0.76
N HIS A 181 -1.14 4.79 1.25
CA HIS A 181 -2.01 3.98 0.40
C HIS A 181 -3.06 4.88 -0.23
N SER A 182 -2.72 5.47 -1.37
CA SER A 182 -3.63 6.35 -2.08
C SER A 182 -4.18 5.64 -3.31
N ALA A 183 -4.42 4.34 -3.18
CA ALA A 183 -4.93 3.55 -4.31
C ALA A 183 -6.00 2.55 -3.91
N HIS A 184 -6.35 1.72 -4.89
CA HIS A 184 -7.31 0.63 -4.73
C HIS A 184 -8.67 0.93 -4.09
N GLY A 185 -9.14 2.16 -4.23
CA GLY A 185 -10.45 2.50 -3.70
C GLY A 185 -10.59 2.76 -2.21
N TYR A 186 -9.46 2.96 -1.52
CA TYR A 186 -9.54 3.23 -0.10
C TYR A 186 -9.74 4.74 0.08
N LEU A 187 -9.78 5.21 1.33
CA LEU A 187 -10.08 6.62 1.60
C LEU A 187 -9.47 7.69 0.69
N LEU A 188 -8.15 7.69 0.55
CA LEU A 188 -7.51 8.69 -0.30
C LEU A 188 -7.99 8.60 -1.74
N HIS A 189 -8.12 7.38 -2.25
CA HIS A 189 -8.58 7.20 -3.63
C HIS A 189 -10.06 7.56 -3.75
N GLN A 190 -10.80 7.38 -2.65
CA GLN A 190 -12.22 7.71 -2.62
C GLN A 190 -12.41 9.20 -2.90
N PHE A 191 -11.49 10.01 -2.38
CA PHE A 191 -11.55 11.45 -2.60
C PHE A 191 -11.05 11.81 -4.01
N LEU A 192 -10.03 11.09 -4.48
CA LEU A 192 -9.46 11.34 -5.80
C LEU A 192 -10.41 11.04 -6.96
N SER A 193 -11.20 9.98 -6.83
CA SER A 193 -12.13 9.59 -7.90
C SER A 193 -13.48 10.27 -7.87
N PRO A 194 -13.90 10.86 -9.00
CA PRO A 194 -15.20 11.53 -9.06
C PRO A 194 -16.38 10.57 -8.91
N SER A 195 -16.15 9.28 -9.17
CA SER A 195 -17.21 8.29 -9.06
C SER A 195 -17.58 8.04 -7.60
N SER A 196 -16.64 8.28 -6.70
CA SER A 196 -16.87 8.07 -5.27
C SER A 196 -16.89 9.38 -4.49
N ASN A 197 -16.58 10.48 -5.17
CA ASN A 197 -16.57 11.79 -4.53
C ASN A 197 -17.58 12.74 -5.17
N GLN A 198 -18.66 13.02 -4.45
CA GLN A 198 -19.69 13.93 -4.94
C GLN A 198 -19.79 15.18 -4.05
N ARG A 199 -18.73 15.48 -3.32
CA ARG A 199 -18.72 16.64 -2.43
C ARG A 199 -18.85 17.95 -3.20
N THR A 200 -19.42 18.96 -2.56
CA THR A 200 -19.58 20.26 -3.18
C THR A 200 -18.69 21.32 -2.53
N ASP A 201 -17.82 20.89 -1.62
CA ASP A 201 -16.89 21.84 -0.99
C ASP A 201 -15.55 21.79 -1.72
N GLN A 202 -14.51 22.34 -1.11
CA GLN A 202 -13.21 22.36 -1.78
C GLN A 202 -12.50 21.01 -1.88
N TYR A 203 -13.17 19.94 -1.45
CA TYR A 203 -12.58 18.60 -1.53
C TYR A 203 -13.29 17.73 -2.57
N GLY A 204 -14.14 18.36 -3.37
CA GLY A 204 -14.86 17.66 -4.40
C GLY A 204 -14.98 18.51 -5.64
N GLY A 205 -15.14 17.87 -6.80
CA GLY A 205 -15.29 18.60 -8.03
C GLY A 205 -14.10 18.47 -8.98
N SER A 206 -13.32 19.54 -9.07
CA SER A 206 -12.15 19.58 -9.94
C SER A 206 -11.09 18.61 -9.45
N VAL A 207 -10.13 18.30 -10.32
CA VAL A 207 -9.07 17.39 -9.93
C VAL A 207 -8.27 18.06 -8.83
N GLU A 208 -8.15 19.39 -8.88
CA GLU A 208 -7.42 20.10 -7.85
C GLU A 208 -8.09 19.86 -6.51
N ASN A 209 -9.41 19.91 -6.49
CA ASN A 209 -10.18 19.69 -5.26
C ASN A 209 -10.11 18.24 -4.84
N ARG A 210 -10.28 17.32 -5.79
CA ARG A 210 -10.24 15.90 -5.48
C ARG A 210 -8.89 15.47 -4.92
N ALA A 211 -7.81 16.07 -5.42
CA ALA A 211 -6.47 15.72 -4.96
C ALA A 211 -6.03 16.49 -3.73
N ARG A 212 -6.85 17.43 -3.27
CA ARG A 212 -6.50 18.24 -2.12
C ARG A 212 -6.12 17.45 -0.88
N LEU A 213 -6.98 16.50 -0.49
CA LEU A 213 -6.71 15.69 0.69
C LEU A 213 -5.38 14.95 0.66
N VAL A 214 -5.17 14.16 -0.38
CA VAL A 214 -3.94 13.39 -0.46
C VAL A 214 -2.71 14.30 -0.41
N LEU A 215 -2.78 15.45 -1.09
CA LEU A 215 -1.66 16.38 -1.07
C LEU A 215 -1.44 17.00 0.31
N GLU A 216 -2.51 17.26 1.05
CA GLU A 216 -2.39 17.80 2.40
C GLU A 216 -1.70 16.74 3.28
N VAL A 217 -2.04 15.48 3.04
CA VAL A 217 -1.45 14.38 3.80
C VAL A 217 0.04 14.29 3.49
N VAL A 218 0.37 14.34 2.21
CA VAL A 218 1.76 14.27 1.78
C VAL A 218 2.58 15.40 2.41
N ASP A 219 2.02 16.60 2.43
CA ASP A 219 2.73 17.74 3.02
C ASP A 219 2.90 17.53 4.53
N ALA A 220 1.85 17.04 5.17
CA ALA A 220 1.88 16.81 6.61
C ALA A 220 2.91 15.78 7.04
N VAL A 221 3.03 14.68 6.30
CA VAL A 221 3.99 13.64 6.65
C VAL A 221 5.42 14.03 6.28
N CYS A 222 5.57 14.80 5.20
CA CYS A 222 6.90 15.24 4.79
C CYS A 222 7.44 16.16 5.87
N ASN A 223 6.54 16.95 6.44
CA ASN A 223 6.93 17.89 7.50
C ASN A 223 7.22 17.15 8.81
N GLU A 224 6.41 16.13 9.10
CA GLU A 224 6.57 15.35 10.33
C GLU A 224 7.90 14.59 10.37
N TRP A 225 8.25 13.95 9.26
CA TRP A 225 9.51 13.21 9.18
C TRP A 225 10.43 13.89 8.17
N SER A 226 10.44 13.39 6.96
CA SER A 226 11.27 13.93 5.88
C SER A 226 10.77 13.41 4.54
N ALA A 227 10.83 14.26 3.53
CA ALA A 227 10.36 13.86 2.19
C ALA A 227 11.05 12.60 1.66
N ASP A 228 12.32 12.41 1.98
CA ASP A 228 13.04 11.23 1.50
C ASP A 228 12.71 9.96 2.28
N ARG A 229 11.68 10.03 3.12
CA ARG A 229 11.23 8.89 3.90
C ARG A 229 9.82 8.53 3.44
N ILE A 230 9.29 9.35 2.54
CA ILE A 230 7.92 9.18 2.05
C ILE A 230 7.70 8.58 0.66
N GLY A 231 6.84 7.56 0.62
CA GLY A 231 6.49 6.94 -0.63
C GLY A 231 4.97 7.01 -0.74
N ILE A 232 4.43 6.81 -1.93
CA ILE A 232 2.98 6.83 -2.11
C ILE A 232 2.60 5.86 -3.21
N ARG A 233 1.53 5.09 -2.98
CA ARG A 233 1.07 4.14 -3.99
C ARG A 233 -0.26 4.65 -4.56
N VAL A 234 -0.33 4.69 -5.88
CA VAL A 234 -1.54 5.13 -6.56
C VAL A 234 -1.90 4.10 -7.62
N SER A 235 -3.16 4.11 -8.03
CA SER A 235 -3.67 3.22 -9.08
C SER A 235 -4.62 4.16 -9.83
N PRO A 236 -4.06 5.17 -10.52
CA PRO A 236 -4.75 6.20 -11.30
C PRO A 236 -5.36 5.83 -12.64
N ILE A 237 -5.01 4.67 -13.19
CA ILE A 237 -5.53 4.24 -14.49
C ILE A 237 -6.33 2.95 -14.37
N GLY A 238 -7.59 2.97 -14.80
CA GLY A 238 -8.42 1.78 -14.74
C GLY A 238 -9.44 1.80 -13.63
N THR A 239 -10.03 0.65 -13.34
CA THR A 239 -11.04 0.52 -12.30
C THR A 239 -10.57 -0.44 -11.21
N PHE A 240 -10.77 -0.04 -9.95
CA PHE A 240 -10.36 -0.87 -8.80
C PHE A 240 -11.43 -0.88 -7.71
N GLN A 241 -11.83 -2.06 -7.26
CA GLN A 241 -12.82 -2.17 -6.20
C GLN A 241 -14.03 -1.25 -6.46
N ASN A 242 -14.46 -1.21 -7.72
CA ASN A 242 -15.59 -0.39 -8.15
C ASN A 242 -15.31 1.11 -8.25
N VAL A 243 -14.12 1.55 -7.87
CA VAL A 243 -13.83 2.98 -7.99
C VAL A 243 -12.96 3.25 -9.22
N ASP A 244 -13.56 3.87 -10.24
CA ASP A 244 -12.83 4.19 -11.46
C ASP A 244 -12.06 5.48 -11.22
N ASN A 245 -11.39 5.97 -12.26
CA ASN A 245 -10.60 7.19 -12.13
C ASN A 245 -11.15 8.40 -12.90
N GLY A 246 -12.40 8.31 -13.31
CA GLY A 246 -13.02 9.41 -14.03
C GLY A 246 -12.81 9.42 -15.53
N PRO A 247 -13.52 10.32 -16.24
CA PRO A 247 -13.46 10.48 -17.69
C PRO A 247 -12.13 11.04 -18.22
N ASN A 248 -11.33 11.61 -17.34
CA ASN A 248 -10.03 12.15 -17.74
C ASN A 248 -8.96 11.60 -16.82
N GLU A 249 -8.94 10.27 -16.66
CA GLU A 249 -7.98 9.64 -15.77
C GLU A 249 -6.52 10.00 -16.05
N GLU A 250 -6.08 9.90 -17.31
CA GLU A 250 -4.70 10.20 -17.65
C GLU A 250 -4.28 11.64 -17.30
N ALA A 251 -5.08 12.62 -17.71
CA ALA A 251 -4.75 14.01 -17.41
C ALA A 251 -4.76 14.26 -15.91
N ASP A 252 -5.73 13.69 -15.20
CA ASP A 252 -5.82 13.85 -13.76
C ASP A 252 -4.64 13.20 -13.07
N ALA A 253 -4.22 12.05 -13.59
CA ALA A 253 -3.09 11.32 -13.03
C ALA A 253 -1.80 12.15 -13.15
N LEU A 254 -1.62 12.76 -14.32
CA LEU A 254 -0.43 13.56 -14.56
C LEU A 254 -0.39 14.80 -13.69
N TYR A 255 -1.57 15.34 -13.36
CA TYR A 255 -1.63 16.51 -12.48
C TYR A 255 -1.16 16.08 -11.10
N LEU A 256 -1.72 14.99 -10.61
CA LEU A 256 -1.37 14.48 -9.29
C LEU A 256 0.14 14.24 -9.19
N ILE A 257 0.70 13.57 -10.18
CA ILE A 257 2.12 13.27 -10.17
C ILE A 257 3.00 14.52 -10.16
N GLU A 258 2.63 15.53 -10.94
CA GLU A 258 3.42 16.76 -10.95
C GLU A 258 3.41 17.40 -9.56
N GLU A 259 2.25 17.37 -8.91
CA GLU A 259 2.12 17.93 -7.57
C GLU A 259 2.98 17.14 -6.60
N LEU A 260 2.91 15.82 -6.68
CA LEU A 260 3.70 14.97 -5.79
C LEU A 260 5.19 15.24 -5.99
N ALA A 261 5.58 15.48 -7.24
CA ALA A 261 6.98 15.74 -7.56
C ALA A 261 7.50 16.97 -6.83
N LYS A 262 6.64 17.96 -6.66
CA LYS A 262 7.03 19.20 -5.98
C LYS A 262 7.51 18.94 -4.55
N ARG A 263 6.98 17.91 -3.91
CA ARG A 263 7.39 17.59 -2.55
C ARG A 263 8.73 16.85 -2.48
N GLY A 264 9.21 16.41 -3.63
CA GLY A 264 10.47 15.69 -3.67
C GLY A 264 10.47 14.44 -2.80
N ILE A 265 9.38 13.67 -2.84
CA ILE A 265 9.30 12.47 -2.03
C ILE A 265 10.16 11.32 -2.55
N ALA A 266 10.35 10.31 -1.72
CA ALA A 266 11.18 9.16 -2.05
C ALA A 266 10.77 8.39 -3.29
N TYR A 267 9.49 8.00 -3.38
CA TYR A 267 9.09 7.23 -4.54
C TYR A 267 7.62 7.28 -4.92
N LEU A 268 7.35 6.89 -6.16
CA LEU A 268 6.00 6.84 -6.71
C LEU A 268 5.77 5.37 -7.06
N HIS A 269 4.82 4.74 -6.39
CA HIS A 269 4.49 3.33 -6.61
C HIS A 269 3.21 3.23 -7.44
N MET A 270 3.34 2.75 -8.66
CA MET A 270 2.20 2.62 -9.57
C MET A 270 1.59 1.24 -9.65
N SER A 271 0.37 1.07 -9.12
CA SER A 271 -0.31 -0.21 -9.23
C SER A 271 -1.08 -0.09 -10.54
N GLU A 272 -0.55 -0.76 -11.57
CA GLU A 272 -1.11 -0.70 -12.90
C GLU A 272 -2.48 -1.34 -13.15
N THR A 273 -2.78 -2.43 -12.46
CA THR A 273 -4.08 -3.09 -12.63
C THR A 273 -4.47 -3.81 -11.35
N ASP A 274 -5.77 -4.02 -11.15
CA ASP A 274 -6.18 -4.75 -9.95
C ASP A 274 -6.08 -6.22 -10.35
N LEU A 275 -6.33 -7.11 -9.39
CA LEU A 275 -6.24 -8.55 -9.65
C LEU A 275 -6.98 -9.01 -10.90
N ALA A 276 -8.01 -8.29 -11.30
CA ALA A 276 -8.78 -8.65 -12.50
C ALA A 276 -8.16 -7.96 -13.72
N GLY A 277 -8.86 -8.00 -14.85
CA GLY A 277 -8.34 -7.37 -16.04
C GLY A 277 -7.95 -5.90 -15.89
N GLY A 278 -7.37 -5.33 -16.94
CA GLY A 278 -6.97 -3.93 -16.93
C GLY A 278 -6.16 -3.57 -18.16
N LYS A 279 -6.50 -2.45 -18.82
CA LYS A 279 -5.75 -2.03 -19.99
C LYS A 279 -4.34 -1.68 -19.56
N PRO A 280 -3.34 -2.21 -20.26
CA PRO A 280 -1.94 -1.94 -19.94
C PRO A 280 -1.46 -0.52 -20.26
N TYR A 281 -0.49 -0.06 -19.49
CA TYR A 281 0.09 1.26 -19.67
C TYR A 281 0.82 1.31 -21.00
N SER A 282 0.60 2.38 -21.76
CA SER A 282 1.27 2.57 -23.04
C SER A 282 2.62 3.20 -22.71
N GLU A 283 3.64 2.91 -23.51
CA GLU A 283 4.94 3.49 -23.23
C GLU A 283 4.87 5.00 -23.27
N ALA A 284 3.95 5.54 -24.08
CA ALA A 284 3.78 6.98 -24.17
C ALA A 284 3.39 7.53 -22.79
N PHE A 285 2.45 6.86 -22.14
CA PHE A 285 2.02 7.29 -20.82
C PHE A 285 3.15 7.11 -19.81
N ARG A 286 3.86 5.98 -19.90
CA ARG A 286 4.97 5.74 -18.97
C ARG A 286 6.01 6.85 -19.10
N GLN A 287 6.16 7.38 -20.31
CA GLN A 287 7.12 8.45 -20.56
C GLN A 287 6.65 9.75 -19.92
N LYS A 288 5.35 10.04 -20.02
CA LYS A 288 4.80 11.26 -19.44
C LYS A 288 4.91 11.22 -17.92
N VAL A 289 4.75 10.04 -17.33
CA VAL A 289 4.86 9.88 -15.90
C VAL A 289 6.34 10.08 -15.54
N ARG A 290 7.18 9.32 -16.25
CA ARG A 290 8.63 9.33 -16.06
C ARG A 290 9.22 10.75 -16.00
N GLU A 291 8.88 11.58 -16.97
CA GLU A 291 9.41 12.94 -17.02
C GLU A 291 8.83 13.91 -15.99
N ARG A 292 7.78 13.48 -15.29
CA ARG A 292 7.14 14.34 -14.30
C ARG A 292 7.53 14.04 -12.85
N PHE A 293 8.15 12.89 -12.61
CA PHE A 293 8.55 12.52 -11.26
C PHE A 293 10.07 12.30 -11.27
N HIS A 294 10.77 12.92 -10.32
CA HIS A 294 12.23 12.80 -10.27
C HIS A 294 12.76 11.88 -9.18
N GLY A 295 11.87 11.09 -8.58
CA GLY A 295 12.28 10.15 -7.56
C GLY A 295 12.18 8.75 -8.14
N VAL A 296 12.28 7.74 -7.30
CA VAL A 296 12.17 6.36 -7.76
C VAL A 296 10.74 6.04 -8.17
N ILE A 297 10.60 5.25 -9.23
CA ILE A 297 9.29 4.85 -9.71
C ILE A 297 9.22 3.32 -9.67
N ILE A 298 8.22 2.80 -8.97
CA ILE A 298 8.03 1.37 -8.83
C ILE A 298 6.81 0.89 -9.62
N GLY A 299 7.03 -0.07 -10.51
CA GLY A 299 5.94 -0.63 -11.30
C GLY A 299 5.38 -1.86 -10.60
N ALA A 300 4.09 -2.12 -10.75
CA ALA A 300 3.47 -3.29 -10.11
C ALA A 300 2.19 -3.76 -10.80
N GLY A 301 1.89 -5.05 -10.69
CA GLY A 301 0.69 -5.59 -11.29
C GLY A 301 0.96 -6.70 -12.29
N ALA A 302 0.92 -7.94 -11.81
CA ALA A 302 1.14 -9.11 -12.66
C ALA A 302 2.41 -8.99 -13.48
N TYR A 303 3.46 -8.43 -12.88
CA TYR A 303 4.73 -8.28 -13.58
C TYR A 303 5.48 -9.60 -13.67
N THR A 304 6.26 -9.73 -14.74
CA THR A 304 7.10 -10.90 -14.94
C THR A 304 8.51 -10.32 -14.79
N ALA A 305 9.51 -11.16 -14.55
CA ALA A 305 10.86 -10.68 -14.42
C ALA A 305 11.30 -10.05 -15.75
N GLU A 306 10.85 -10.65 -16.85
CA GLU A 306 11.19 -10.15 -18.17
C GLU A 306 10.65 -8.74 -18.40
N LYS A 307 9.40 -8.51 -18.03
CA LYS A 307 8.79 -7.20 -18.18
C LYS A 307 9.55 -6.18 -17.35
N ALA A 308 9.95 -6.57 -16.14
CA ALA A 308 10.69 -5.68 -15.25
C ALA A 308 12.01 -5.24 -15.90
N GLU A 309 12.75 -6.20 -16.45
CA GLU A 309 14.01 -5.90 -17.10
C GLU A 309 13.79 -4.99 -18.30
N ASP A 310 12.72 -5.27 -19.05
CA ASP A 310 12.39 -4.48 -20.23
C ASP A 310 12.14 -3.01 -19.89
N LEU A 311 11.25 -2.76 -18.95
CA LEU A 311 10.92 -1.38 -18.58
C LEU A 311 12.03 -0.65 -17.82
N ILE A 312 12.79 -1.39 -17.02
CA ILE A 312 13.89 -0.78 -16.29
C ILE A 312 14.99 -0.45 -17.30
N GLY A 313 15.19 -1.36 -18.26
CA GLY A 313 16.19 -1.15 -19.30
C GLY A 313 15.86 0.06 -20.16
N LYS A 314 14.57 0.26 -20.42
CA LYS A 314 14.13 1.40 -21.21
C LYS A 314 14.16 2.67 -20.38
N GLY A 315 14.50 2.53 -19.10
CA GLY A 315 14.57 3.67 -18.22
C GLY A 315 13.23 4.28 -17.85
N LEU A 316 12.15 3.48 -17.96
CA LEU A 316 10.81 3.97 -17.65
C LEU A 316 10.45 3.84 -16.17
N ILE A 317 10.94 2.78 -15.54
CA ILE A 317 10.71 2.56 -14.11
C ILE A 317 12.05 2.18 -13.50
N ASP A 318 12.14 2.17 -12.18
CA ASP A 318 13.39 1.84 -11.50
C ASP A 318 13.36 0.51 -10.77
N ALA A 319 12.19 0.12 -10.31
CA ALA A 319 12.06 -1.14 -9.58
C ALA A 319 10.69 -1.74 -9.81
N VAL A 320 10.52 -2.99 -9.37
CA VAL A 320 9.27 -3.70 -9.54
C VAL A 320 8.88 -4.36 -8.22
N ALA A 321 7.62 -4.21 -7.84
CA ALA A 321 7.12 -4.83 -6.63
C ALA A 321 6.30 -6.04 -7.02
N PHE A 322 6.69 -7.21 -6.50
CA PHE A 322 5.98 -8.45 -6.79
C PHE A 322 5.11 -8.79 -5.59
N GLY A 323 3.87 -9.16 -5.86
CA GLY A 323 2.97 -9.51 -4.79
C GLY A 323 2.87 -11.01 -4.52
N ARG A 324 2.02 -11.67 -5.29
CA ARG A 324 1.80 -13.09 -5.13
C ARG A 324 3.03 -13.97 -5.21
N ASP A 325 4.01 -13.58 -6.04
CA ASP A 325 5.23 -14.37 -6.10
C ASP A 325 5.98 -14.29 -4.78
N TYR A 326 5.86 -13.16 -4.09
CA TYR A 326 6.54 -13.01 -2.82
C TYR A 326 5.83 -13.76 -1.72
N ILE A 327 4.51 -13.91 -1.84
CA ILE A 327 3.76 -14.68 -0.85
C ILE A 327 4.30 -16.11 -0.82
N ALA A 328 4.52 -16.66 -2.01
CA ALA A 328 4.98 -18.03 -2.14
C ALA A 328 6.49 -18.27 -2.20
N ASN A 329 7.27 -17.20 -2.34
CA ASN A 329 8.72 -17.35 -2.45
C ASN A 329 9.46 -16.32 -1.61
N PRO A 330 9.81 -16.69 -0.36
CA PRO A 330 10.53 -15.76 0.51
C PRO A 330 11.85 -15.31 -0.08
N ASP A 331 12.53 -16.23 -0.76
CA ASP A 331 13.83 -15.94 -1.39
C ASP A 331 13.64 -15.70 -2.89
N LEU A 332 12.60 -14.97 -3.23
CA LEU A 332 12.31 -14.66 -4.64
C LEU A 332 13.52 -14.05 -5.34
N VAL A 333 14.29 -13.23 -4.64
CA VAL A 333 15.46 -12.59 -5.23
C VAL A 333 16.42 -13.65 -5.76
N ALA A 334 16.80 -14.59 -4.91
CA ALA A 334 17.72 -15.66 -5.30
C ALA A 334 17.17 -16.52 -6.44
N ARG A 335 15.88 -16.81 -6.40
CA ARG A 335 15.28 -17.64 -7.44
C ARG A 335 15.30 -16.92 -8.79
N LEU A 336 14.91 -15.65 -8.81
CA LEU A 336 14.92 -14.90 -10.06
C LEU A 336 16.36 -14.72 -10.55
N GLN A 337 17.29 -14.61 -9.62
CA GLN A 337 18.69 -14.42 -9.98
C GLN A 337 19.24 -15.71 -10.59
N LYS A 338 18.92 -16.84 -9.97
CA LYS A 338 19.39 -18.14 -10.44
C LYS A 338 18.48 -18.74 -11.51
N LYS A 339 17.38 -18.05 -11.81
CA LYS A 339 16.43 -18.56 -12.80
C LYS A 339 15.91 -19.92 -12.36
N ALA A 340 15.61 -20.04 -11.06
CA ALA A 340 15.10 -21.28 -10.50
C ALA A 340 13.58 -21.26 -10.53
N GLU A 341 12.97 -22.42 -10.37
CA GLU A 341 11.51 -22.50 -10.37
C GLU A 341 10.97 -21.94 -9.06
N LEU A 342 9.73 -21.48 -9.08
CA LEU A 342 9.11 -20.91 -7.88
C LEU A 342 8.17 -21.92 -7.24
N ASN A 343 7.85 -21.70 -5.97
CA ASN A 343 6.91 -22.57 -5.26
C ASN A 343 5.52 -22.23 -5.79
N PRO A 344 4.64 -23.23 -5.91
CA PRO A 344 3.29 -22.92 -6.41
C PRO A 344 2.51 -22.12 -5.36
N GLN A 345 1.58 -21.29 -5.83
CA GLN A 345 0.78 -20.48 -4.93
C GLN A 345 -0.43 -21.21 -4.38
N ARG A 346 -0.75 -20.93 -3.13
CA ARG A 346 -1.91 -21.52 -2.46
C ARG A 346 -2.84 -20.38 -2.07
N PRO A 347 -3.64 -19.88 -3.03
CA PRO A 347 -4.58 -18.77 -2.83
C PRO A 347 -5.54 -18.90 -1.64
N GLU A 348 -5.96 -20.11 -1.30
CA GLU A 348 -6.91 -20.26 -0.19
C GLU A 348 -6.38 -19.77 1.15
N SER A 349 -5.07 -19.68 1.31
CA SER A 349 -4.49 -19.21 2.56
C SER A 349 -3.87 -17.82 2.50
N PHE A 350 -4.23 -17.05 1.48
CA PHE A 350 -3.71 -15.69 1.36
C PHE A 350 -4.22 -14.84 2.53
N TYR A 351 -5.48 -15.05 2.90
CA TYR A 351 -6.11 -14.29 3.97
C TYR A 351 -6.47 -15.09 5.22
N GLY A 352 -6.10 -14.56 6.38
CA GLY A 352 -6.39 -15.21 7.65
C GLY A 352 -5.67 -16.52 7.89
N GLY A 353 -6.03 -17.19 8.98
CA GLY A 353 -5.40 -18.45 9.31
C GLY A 353 -4.13 -18.28 10.11
N GLY A 354 -3.24 -19.25 9.99
CA GLY A 354 -1.99 -19.19 10.73
C GLY A 354 -0.75 -19.34 9.87
N ALA A 355 0.20 -20.14 10.36
CA ALA A 355 1.46 -20.36 9.68
C ALA A 355 1.28 -21.03 8.32
N GLU A 356 0.31 -21.93 8.21
CA GLU A 356 0.08 -22.62 6.95
C GLU A 356 -0.22 -21.59 5.85
N GLY A 357 0.52 -21.67 4.75
CA GLY A 357 0.34 -20.74 3.64
C GLY A 357 0.85 -19.35 3.95
N TYR A 358 1.75 -19.25 4.91
CA TYR A 358 2.29 -17.96 5.33
C TYR A 358 3.81 -18.02 5.48
N THR A 359 4.28 -18.77 6.48
CA THR A 359 5.71 -18.95 6.73
C THR A 359 6.05 -20.36 6.26
N ASP A 360 5.10 -20.90 5.49
CA ASP A 360 5.08 -22.25 4.93
C ASP A 360 5.86 -22.55 3.65
N TYR A 361 6.05 -21.53 2.82
CA TYR A 361 6.76 -21.70 1.56
C TYR A 361 8.26 -21.75 1.83
N PRO A 362 8.92 -22.84 1.44
CA PRO A 362 10.36 -22.99 1.66
C PRO A 362 11.24 -22.15 0.74
N SER A 363 12.44 -21.85 1.23
CA SER A 363 13.42 -21.10 0.46
C SER A 363 14.30 -22.16 -0.18
N LEU A 364 15.13 -21.75 -1.13
CA LEU A 364 16.05 -22.66 -1.80
C LEU A 364 17.01 -23.24 -0.76
C1 ANB B . -6.86 -4.97 -3.20
C10 ANB B . -6.89 -6.07 -2.14
C11 ANB B . -9.18 -6.91 -2.92
C12 ANB B . -10.64 -7.32 -2.48
C13 ANB B . -10.56 -8.52 -1.52
C14 ANB B . -9.80 -8.06 -0.28
C15 ANB B . -10.05 -9.19 0.79
C16 ANB B . -11.56 -9.40 0.51
C17 ANB B . -11.91 -8.97 -0.96
C18 ANB B . -9.95 -9.81 -2.22
C19 ANB B . -6.12 -7.29 -2.80
C2 ANB B . -6.27 -3.77 -3.01
C3 ANB B . -5.57 -3.46 -1.73
C4 ANB B . -5.57 -4.47 -0.69
C5 ANB B . -6.16 -5.70 -0.82
C6 ANB B . -6.13 -6.71 0.28
C7 ANB B . -7.57 -7.19 0.57
C8 ANB B . -8.33 -7.62 -0.61
C9 ANB B . -8.36 -6.47 -1.75
O1 ANB B . -5.02 -2.37 -1.54
O2 ANB B . -12.93 -8.99 -1.49
N1 FMN C . -2.02 -3.75 -2.39
C2 FMN C . -1.95 -2.73 -1.57
O2 FMN C . -1.69 -1.64 -1.92
N3 FMN C . -2.17 -2.89 -0.18
C4 FMN C . -2.49 -4.15 0.40
O4 FMN C . -2.64 -4.17 1.61
C4A FMN C . -2.57 -5.28 -0.54
N5 FMN C . -2.88 -6.54 -0.09
C5A FMN C . -2.94 -7.60 -0.96
C6 FMN C . -3.26 -8.91 -0.42
C7 FMN C . -3.30 -10.04 -1.28
C7M FMN C . -3.63 -11.40 -0.72
C8 FMN C . -3.04 -9.90 -2.70
C8M FMN C . -3.09 -11.04 -3.73
C9 FMN C . -2.75 -8.67 -3.23
C9A FMN C . -2.67 -7.41 -2.37
N10 FMN C . -2.37 -6.09 -2.86
C10 FMN C . -2.30 -5.01 -1.97
C1' FMN C . -2.05 -5.86 -4.24
C2' FMN C . -0.58 -6.24 -4.39
O2' FMN C . 0.33 -5.34 -3.75
C3' FMN C . -0.19 -6.32 -5.87
O3' FMN C . -0.24 -4.98 -6.46
C4' FMN C . -0.98 -7.32 -6.68
O4' FMN C . -0.99 -8.61 -6.03
C5' FMN C . -0.54 -7.49 -8.11
O5' FMN C . 0.80 -7.99 -8.14
P FMN C . 1.16 -9.51 -8.42
O1P FMN C . 0.68 -10.36 -7.30
O2P FMN C . 0.58 -9.87 -9.76
O3P FMN C . 2.73 -9.44 -8.50
#